data_2PER
#
_entry.id   2PER
#
_cell.length_a   44.050
_cell.length_b   75.927
_cell.length_c   80.477
_cell.angle_alpha   90.000
_cell.angle_beta   90.000
_cell.angle_gamma   90.000
#
_symmetry.space_group_name_H-M   'P 21 21 21'
#
loop_
_entity.id
_entity.type
_entity.pdbx_description
1 polymer 'Chloride intracellular channel protein 2'
2 non-polymer '5-MERCAPTO-2-NITRO-BENZOIC ACID'
3 water water
#
_entity_poly.entity_id   1
_entity_poly.type   'polypeptide(L)'
_entity_poly.pdbx_seq_one_letter_code
;MGSSHHHHHHSSGLVPRGSHMSGLRPGTQVDPEIELFVKAGSDGESIGNCPFCQRLFMILWLKGVKFNVTTVDMTRKPEE
LKDLAPGTNPPFLVYNKELKTDFIKIEEFLEQTLAPPRYPHLSPKYKESFDVGCNLFAKFSAYIKNTQKEANKNFEKSLL
KEFKRLDDYLNTPLLDEIDPDSAEEPPVSRRLFLDGDQLTLADCSLLPKLNIIKVAAKKYRDFDIPAEFSGVWRYLHNAY
AREEFTHTCPEDKEIENTYANVAKQKS
;
_entity_poly.pdbx_strand_id   A
#
# COMPACT_ATOMS: atom_id res chain seq x y z
N ASP A 31 -19.87 -8.83 16.67
CA ASP A 31 -19.13 -9.29 15.44
C ASP A 31 -18.42 -10.67 15.57
N PRO A 32 -17.82 -11.15 14.45
CA PRO A 32 -17.04 -12.42 14.38
C PRO A 32 -15.75 -12.45 15.19
N GLU A 33 -15.20 -13.65 15.38
CA GLU A 33 -13.91 -13.79 16.06
C GLU A 33 -12.82 -13.87 14.98
N ILE A 34 -11.93 -12.90 14.97
CA ILE A 34 -10.94 -12.89 13.91
C ILE A 34 -9.53 -12.85 14.43
N GLU A 35 -8.70 -13.75 13.90
CA GLU A 35 -7.26 -13.67 14.06
C GLU A 35 -6.52 -13.63 12.71
N LEU A 36 -5.74 -12.57 12.54
CA LEU A 36 -4.86 -12.39 11.36
C LEU A 36 -3.45 -12.86 11.69
N PHE A 37 -2.88 -13.74 10.87
CA PHE A 37 -1.49 -14.14 11.05
C PHE A 37 -0.61 -13.41 10.07
N VAL A 38 0.32 -12.63 10.61
CA VAL A 38 1.26 -11.87 9.77
C VAL A 38 2.68 -12.40 9.93
N LYS A 39 3.52 -12.13 8.94
CA LYS A 39 4.91 -12.45 9.02
C LYS A 39 5.64 -11.61 10.09
N ALA A 40 6.48 -12.30 10.88
CA ALA A 40 7.22 -11.63 11.94
C ALA A 40 8.52 -11.07 11.42
N GLY A 41 8.98 -9.98 12.03
CA GLY A 41 10.28 -9.38 11.77
C GLY A 41 11.49 -10.14 12.34
N SER A 42 12.64 -9.50 12.37
CA SER A 42 13.85 -10.30 12.56
C SER A 42 13.94 -10.89 13.99
N ASP A 43 13.34 -10.24 14.98
CA ASP A 43 13.26 -10.74 16.38
C ASP A 43 12.16 -11.80 16.64
N GLY A 44 11.45 -12.18 15.59
CA GLY A 44 10.44 -13.24 15.63
C GLY A 44 9.14 -12.80 16.23
N GLU A 45 9.05 -11.52 16.54
CA GLU A 45 7.89 -10.96 17.23
C GLU A 45 7.29 -9.71 16.58
N SER A 46 8.17 -8.81 16.16
CA SER A 46 7.73 -7.53 15.56
C SER A 46 7.02 -7.78 14.22
N ILE A 47 6.36 -6.76 13.70
CA ILE A 47 5.81 -6.82 12.32
C ILE A 47 6.94 -6.90 11.32
N GLY A 48 6.94 -7.97 10.51
CA GLY A 48 7.98 -8.12 9.48
C GLY A 48 7.54 -7.41 8.18
N ASN A 49 8.42 -7.40 7.19
CA ASN A 49 8.05 -6.89 5.86
C ASN A 49 7.21 -7.98 5.09
N CYS A 50 5.93 -7.71 4.86
CA CYS A 50 5.05 -8.55 4.08
C CYS A 50 3.92 -7.65 3.58
N PRO A 51 4.06 -7.07 2.39
CA PRO A 51 3.04 -6.06 2.07
C PRO A 51 1.58 -6.60 1.98
N PHE A 52 1.33 -7.85 1.58
CA PHE A 52 -0.06 -8.36 1.65
C PHE A 52 -0.57 -8.53 3.10
N CYS A 53 0.34 -8.84 4.02
CA CYS A 53 -0.05 -8.90 5.43
C CYS A 53 -0.48 -7.50 5.88
N GLN A 54 0.33 -6.49 5.61
CA GLN A 54 -0.08 -5.14 5.93
C GLN A 54 -1.43 -4.74 5.29
N ARG A 55 -1.65 -5.16 4.05
CA ARG A 55 -2.90 -4.87 3.30
C ARG A 55 -4.10 -5.42 4.07
N LEU A 56 -3.97 -6.66 4.52
CA LEU A 56 -5.10 -7.29 5.27
C LEU A 56 -5.28 -6.68 6.64
N PHE A 57 -4.17 -6.30 7.27
CA PHE A 57 -4.18 -5.62 8.57
C PHE A 57 -4.94 -4.29 8.41
N MET A 58 -4.63 -3.54 7.35
CA MET A 58 -5.36 -2.32 7.05
C MET A 58 -6.86 -2.58 6.79
N ILE A 59 -7.20 -3.58 5.99
CA ILE A 59 -8.62 -3.89 5.67
C ILE A 59 -9.42 -4.09 7.02
N LEU A 60 -8.87 -4.91 7.90
CA LEU A 60 -9.54 -5.25 9.17
C LEU A 60 -9.65 -4.06 10.06
N TRP A 61 -8.59 -3.27 10.16
CA TRP A 61 -8.60 -2.06 10.95
C TRP A 61 -9.68 -1.09 10.42
N LEU A 62 -9.73 -0.94 9.09
CA LEU A 62 -10.66 0.01 8.44
C LEU A 62 -12.12 -0.43 8.47
N LYS A 63 -12.34 -1.74 8.39
CA LYS A 63 -13.64 -2.34 8.72
C LYS A 63 -14.22 -1.94 10.11
N GLY A 64 -13.35 -1.57 11.06
CA GLY A 64 -13.79 -1.19 12.41
C GLY A 64 -14.22 -2.40 13.25
N VAL A 65 -13.84 -3.58 12.78
CA VAL A 65 -14.09 -4.85 13.43
C VAL A 65 -13.00 -5.21 14.47
N LYS A 66 -13.40 -5.90 15.54
CA LYS A 66 -12.44 -6.49 16.48
C LYS A 66 -11.65 -7.60 15.81
N PHE A 67 -10.35 -7.68 16.10
CA PHE A 67 -9.53 -8.78 15.64
C PHE A 67 -8.18 -8.77 16.38
N ASN A 68 -7.51 -9.90 16.41
CA ASN A 68 -6.20 -9.98 17.01
C ASN A 68 -5.20 -10.20 15.89
N VAL A 69 -3.98 -9.72 16.09
CA VAL A 69 -2.92 -9.96 15.10
C VAL A 69 -1.85 -10.81 15.72
N THR A 70 -1.54 -11.93 15.08
CA THR A 70 -0.44 -12.77 15.54
C THR A 70 0.68 -12.80 14.53
N THR A 71 1.91 -12.64 14.99
CA THR A 71 3.07 -12.72 14.09
C THR A 71 3.71 -14.09 14.05
N VAL A 72 4.17 -14.45 12.86
CA VAL A 72 4.76 -15.76 12.68
C VAL A 72 6.19 -15.77 12.16
N ASP A 73 7.06 -16.36 12.98
CA ASP A 73 8.47 -16.54 12.73
C ASP A 73 8.68 -17.86 11.99
N MET A 74 8.05 -18.04 10.81
CA MET A 74 8.05 -19.39 10.16
C MET A 74 9.42 -19.91 9.70
N ASN A 89 2.58 -19.53 3.66
CA ASN A 89 3.16 -18.16 3.71
C ASN A 89 2.17 -16.99 3.97
N PRO A 90 2.44 -16.16 5.02
CA PRO A 90 1.39 -15.22 5.47
C PRO A 90 0.97 -14.17 4.41
N PRO A 91 -0.19 -13.50 4.61
CA PRO A 91 -1.04 -13.60 5.77
C PRO A 91 -2.03 -14.80 5.67
N PHE A 92 -2.42 -15.30 6.84
CA PHE A 92 -3.50 -16.27 6.93
C PHE A 92 -4.49 -15.62 7.86
N LEU A 93 -5.72 -16.09 7.78
CA LEU A 93 -6.80 -15.57 8.60
C LEU A 93 -7.57 -16.73 9.22
N VAL A 94 -7.83 -16.62 10.52
CA VAL A 94 -8.86 -17.43 11.17
C VAL A 94 -10.07 -16.57 11.47
N TYR A 95 -11.18 -16.97 10.86
CA TYR A 95 -12.42 -16.25 10.91
C TYR A 95 -13.46 -17.25 11.40
N ASN A 96 -13.96 -17.05 12.63
CA ASN A 96 -14.89 -18.00 13.30
C ASN A 96 -14.43 -19.47 13.16
N LYS A 97 -13.22 -19.76 13.65
CA LYS A 97 -12.63 -21.11 13.68
C LYS A 97 -12.19 -21.66 12.33
N GLU A 98 -12.52 -20.97 11.23
CA GLU A 98 -12.09 -21.39 9.91
C GLU A 98 -10.79 -20.72 9.42
N LEU A 99 -9.86 -21.55 8.97
CA LEU A 99 -8.61 -21.08 8.38
C LEU A 99 -8.85 -20.68 6.94
N LYS A 100 -8.45 -19.45 6.60
CA LYS A 100 -8.46 -18.97 5.22
C LYS A 100 -7.04 -18.59 4.80
N THR A 101 -6.74 -18.79 3.52
CA THR A 101 -5.37 -18.81 3.01
C THR A 101 -5.15 -18.03 1.67
N ASP A 102 -6.17 -18.03 0.80
CA ASP A 102 -6.04 -17.35 -0.47
C ASP A 102 -6.36 -15.87 -0.27
N PHE A 103 -5.39 -14.99 -0.54
CA PHE A 103 -5.59 -13.57 -0.24
C PHE A 103 -6.84 -13.00 -0.89
N ILE A 104 -7.02 -13.33 -2.17
CA ILE A 104 -8.08 -12.76 -2.97
C ILE A 104 -9.44 -13.19 -2.43
N LYS A 105 -9.56 -14.49 -2.15
CA LYS A 105 -10.70 -15.05 -1.41
C LYS A 105 -10.94 -14.30 -0.10
N ILE A 106 -9.87 -14.09 0.68
CA ILE A 106 -9.99 -13.37 1.94
C ILE A 106 -10.50 -11.93 1.74
N GLU A 107 -9.83 -11.17 0.86
CA GLU A 107 -10.26 -9.81 0.59
C GLU A 107 -11.72 -9.74 0.14
N GLU A 108 -12.10 -10.59 -0.84
CA GLU A 108 -13.52 -10.66 -1.25
C GLU A 108 -14.42 -11.00 -0.06
N PHE A 109 -14.00 -12.01 0.71
CA PHE A 109 -14.77 -12.48 1.86
C PHE A 109 -15.08 -11.33 2.81
N LEU A 110 -14.05 -10.61 3.22
CA LEU A 110 -14.20 -9.52 4.18
C LEU A 110 -15.08 -8.37 3.68
N GLU A 111 -14.84 -7.95 2.43
CA GLU A 111 -15.63 -6.89 1.82
C GLU A 111 -17.12 -7.27 1.75
N GLN A 112 -17.39 -8.52 1.40
CA GLN A 112 -18.77 -9.00 1.31
C GLN A 112 -19.49 -9.28 2.64
N THR A 113 -18.80 -9.93 3.59
CA THR A 113 -19.42 -10.26 4.87
C THR A 113 -19.34 -9.19 5.99
N LEU A 114 -18.37 -8.27 5.91
CA LEU A 114 -18.36 -7.12 6.80
C LEU A 114 -18.85 -5.91 5.98
N ALA A 115 -20.18 -5.82 5.84
CA ALA A 115 -20.82 -4.85 4.92
C ALA A 115 -21.63 -3.74 5.62
N PRO A 116 -22.04 -2.69 4.85
CA PRO A 116 -22.87 -1.65 5.45
C PRO A 116 -24.29 -2.16 5.79
N PRO A 117 -24.95 -1.53 6.80
CA PRO A 117 -24.48 -0.37 7.63
C PRO A 117 -23.56 -0.63 8.84
N ARG A 118 -23.43 -1.87 9.30
CA ARG A 118 -22.61 -2.13 10.48
C ARG A 118 -21.13 -1.80 10.22
N TYR A 119 -20.68 -2.02 8.99
CA TYR A 119 -19.29 -1.86 8.61
C TYR A 119 -19.17 -1.03 7.34
N PRO A 120 -18.13 -0.20 7.24
CA PRO A 120 -17.98 0.51 5.95
C PRO A 120 -17.64 -0.42 4.79
N HIS A 121 -18.22 -0.11 3.63
CA HIS A 121 -17.77 -0.68 2.34
C HIS A 121 -16.39 -0.12 2.01
N LEU A 122 -15.48 -0.96 1.52
CA LEU A 122 -14.14 -0.49 1.21
C LEU A 122 -13.75 -0.57 -0.28
N SER A 123 -14.56 -1.26 -1.08
CA SER A 123 -14.32 -1.24 -2.53
C SER A 123 -14.30 0.19 -3.09
N PRO A 124 -13.34 0.46 -3.99
CA PRO A 124 -13.28 1.81 -4.51
C PRO A 124 -14.44 2.03 -5.50
N LYS A 125 -14.80 3.29 -5.66
CA LYS A 125 -15.77 3.77 -6.64
C LYS A 125 -15.26 3.58 -8.09
N TYR A 126 -13.99 3.85 -8.33
CA TYR A 126 -13.44 3.80 -9.68
C TYR A 126 -12.42 2.66 -9.86
N LYS A 127 -12.68 1.76 -10.80
CA LYS A 127 -11.75 0.64 -11.08
C LYS A 127 -10.27 1.06 -11.33
N GLU A 128 -10.05 2.24 -11.89
CA GLU A 128 -8.67 2.68 -12.13
C GLU A 128 -7.90 3.04 -10.87
N SER A 129 -8.65 3.25 -9.77
CA SER A 129 -8.01 3.44 -8.48
C SER A 129 -7.13 2.21 -8.14
N PHE A 130 -7.57 1.05 -8.57
CA PHE A 130 -6.85 -0.21 -8.46
C PHE A 130 -5.75 -0.28 -9.52
N ASP A 131 -6.18 -0.08 -10.78
CA ASP A 131 -5.35 -0.29 -11.95
C ASP A 131 -4.11 0.61 -12.03
N VAL A 132 -4.15 1.83 -11.49
CA VAL A 132 -2.99 2.74 -11.62
C VAL A 132 -1.65 2.22 -11.11
N GLY A 133 -1.63 1.51 -10.00
CA GLY A 133 -0.32 1.11 -9.44
C GLY A 133 0.24 -0.20 -9.97
N CYS A 134 -0.40 -0.77 -10.99
CA CYS A 134 -0.13 -2.12 -11.55
C CYS A 134 1.29 -2.53 -11.91
N ASN A 135 2.10 -1.59 -12.37
CA ASN A 135 3.47 -1.98 -12.73
C ASN A 135 4.54 -1.41 -11.84
N LEU A 136 4.11 -0.69 -10.81
CA LEU A 136 5.01 0.12 -10.08
C LEU A 136 5.96 -0.74 -9.26
N PHE A 137 5.41 -1.74 -8.56
CA PHE A 137 6.27 -2.62 -7.78
C PHE A 137 7.23 -3.47 -8.60
N ALA A 138 6.80 -3.95 -9.76
CA ALA A 138 7.67 -4.67 -10.70
C ALA A 138 8.83 -3.83 -11.21
N LYS A 139 8.59 -2.55 -11.53
CA LYS A 139 9.67 -1.66 -11.96
C LYS A 139 10.67 -1.42 -10.82
N PHE A 140 10.14 -1.19 -9.62
CA PHE A 140 11.00 -1.09 -8.44
C PHE A 140 11.83 -2.36 -8.25
N SER A 141 11.16 -3.52 -8.33
CA SER A 141 11.81 -4.84 -8.15
C SER A 141 12.98 -5.04 -9.12
N ALA A 142 12.83 -4.63 -10.38
CA ALA A 142 13.93 -4.71 -11.34
C ALA A 142 15.06 -3.70 -11.03
N TYR A 143 14.67 -2.50 -10.62
CA TYR A 143 15.61 -1.46 -10.24
C TYR A 143 16.44 -1.91 -9.04
N ILE A 144 15.79 -2.48 -8.03
CA ILE A 144 16.53 -2.75 -6.78
C ILE A 144 17.42 -4.02 -6.90
N LYS A 145 17.14 -4.87 -7.88
CA LYS A 145 17.88 -6.12 -8.16
C LYS A 145 19.01 -5.91 -9.16
N ASN A 146 18.95 -4.83 -9.96
CA ASN A 146 20.03 -4.49 -10.90
C ASN A 146 21.37 -4.31 -10.20
N THR A 147 22.39 -5.09 -10.59
CA THR A 147 23.73 -4.95 -9.99
C THR A 147 24.73 -4.19 -10.88
N GLN A 148 24.29 -3.72 -12.04
CA GLN A 148 25.13 -2.92 -12.96
C GLN A 148 24.87 -1.46 -12.74
N LYS A 149 25.79 -0.82 -12.03
CA LYS A 149 25.71 0.59 -11.74
C LYS A 149 25.49 1.47 -12.98
N GLU A 150 26.08 1.11 -14.12
CA GLU A 150 25.93 1.98 -15.30
C GLU A 150 24.57 1.85 -15.96
N ALA A 151 23.82 0.85 -15.53
CA ALA A 151 22.42 0.69 -15.95
C ALA A 151 21.42 1.38 -14.96
N ASN A 152 21.94 1.90 -13.84
CA ASN A 152 21.10 2.47 -12.79
C ASN A 152 20.16 3.53 -13.34
N LYS A 153 20.67 4.44 -14.18
CA LYS A 153 19.78 5.52 -14.70
C LYS A 153 18.61 5.02 -15.51
N ASN A 154 18.84 4.00 -16.35
CA ASN A 154 17.75 3.37 -17.12
C ASN A 154 16.70 2.75 -16.25
N PHE A 155 17.13 2.02 -15.24
CA PHE A 155 16.13 1.38 -14.33
C PHE A 155 15.40 2.46 -13.53
N GLU A 156 16.12 3.49 -13.11
CA GLU A 156 15.45 4.55 -12.36
C GLU A 156 14.41 5.26 -13.21
N LYS A 157 14.77 5.57 -14.46
CA LYS A 157 13.81 6.16 -15.39
C LYS A 157 12.57 5.30 -15.56
N SER A 158 12.72 3.99 -15.69
CA SER A 158 11.58 3.14 -15.79
C SER A 158 10.64 3.21 -14.54
N LEU A 159 11.26 3.34 -13.37
CA LEU A 159 10.51 3.52 -12.11
C LEU A 159 9.86 4.90 -12.10
N LEU A 160 10.62 5.94 -12.46
CA LEU A 160 10.01 7.26 -12.52
C LEU A 160 8.78 7.36 -13.44
N LYS A 161 8.81 6.67 -14.56
CA LYS A 161 7.68 6.64 -15.49
C LYS A 161 6.38 6.15 -14.87
N GLU A 162 6.50 5.12 -14.03
CA GLU A 162 5.34 4.61 -13.28
C GLU A 162 4.90 5.56 -12.22
N PHE A 163 5.86 6.18 -11.52
CA PHE A 163 5.50 7.21 -10.55
C PHE A 163 4.75 8.43 -11.19
N LYS A 164 5.24 8.84 -12.35
CA LYS A 164 4.47 9.79 -13.22
C LYS A 164 3.03 9.37 -13.54
N ARG A 165 2.78 8.11 -13.92
CA ARG A 165 1.42 7.63 -14.13
C ARG A 165 0.57 7.76 -12.87
N LEU A 166 1.13 7.38 -11.70
CA LEU A 166 0.45 7.57 -10.40
C LEU A 166 0.18 9.01 -10.09
N ASP A 167 1.18 9.86 -10.25
CA ASP A 167 1.07 11.31 -10.02
C ASP A 167 -0.07 11.93 -10.87
N ASP A 168 -0.08 11.63 -12.17
CA ASP A 168 -1.16 12.08 -13.07
C ASP A 168 -2.56 11.66 -12.54
N TYR A 169 -2.74 10.40 -12.19
CA TYR A 169 -3.98 9.96 -11.58
C TYR A 169 -4.36 10.74 -10.35
N LEU A 170 -3.39 11.09 -9.52
CA LEU A 170 -3.65 11.77 -8.26
C LEU A 170 -3.92 13.26 -8.45
N ASN A 171 -3.46 13.78 -9.58
CA ASN A 171 -3.77 15.16 -9.98
C ASN A 171 -5.02 15.30 -10.83
N THR A 172 -5.52 14.22 -11.42
CA THR A 172 -6.66 14.35 -12.29
C THR A 172 -7.92 14.28 -11.40
N PRO A 173 -8.74 15.36 -11.39
CA PRO A 173 -9.96 15.28 -10.59
C PRO A 173 -10.79 14.10 -10.97
N LEU A 174 -11.31 13.43 -9.95
CA LEU A 174 -12.24 12.35 -10.16
C LEU A 174 -13.57 12.96 -10.60
N LEU A 175 -14.35 12.17 -11.30
CA LEU A 175 -15.67 12.58 -11.78
C LEU A 175 -16.57 13.16 -10.70
N ASP A 176 -16.48 12.67 -9.46
CA ASP A 176 -17.28 13.21 -8.35
C ASP A 176 -16.75 14.45 -7.60
N GLU A 177 -15.64 15.04 -8.03
CA GLU A 177 -15.06 16.17 -7.31
C GLU A 177 -15.67 17.48 -7.80
N ILE A 178 -16.20 18.25 -6.86
CA ILE A 178 -16.94 19.49 -7.14
C ILE A 178 -16.36 20.46 -6.10
N ASP A 179 -15.89 21.62 -6.55
CA ASP A 179 -15.42 22.65 -5.62
C ASP A 179 -16.59 23.15 -4.75
N PRO A 180 -16.42 23.20 -3.40
CA PRO A 180 -17.56 23.57 -2.54
C PRO A 180 -18.02 25.02 -2.69
N ASP A 181 -17.15 25.89 -3.22
CA ASP A 181 -17.44 27.32 -3.34
C ASP A 181 -17.95 27.76 -4.74
N SER A 182 -17.46 27.12 -5.80
CA SER A 182 -17.75 27.62 -7.17
C SER A 182 -18.63 26.62 -7.86
N ALA A 183 -18.68 25.41 -7.29
CA ALA A 183 -19.36 24.26 -7.88
C ALA A 183 -18.79 23.81 -9.21
N GLU A 184 -17.56 24.20 -9.49
CA GLU A 184 -16.86 23.76 -10.69
C GLU A 184 -15.97 22.57 -10.34
N GLU A 185 -15.67 21.75 -11.35
CA GLU A 185 -14.65 20.73 -11.16
C GLU A 185 -13.36 21.44 -10.81
N PRO A 186 -12.64 20.98 -9.80
CA PRO A 186 -11.36 21.66 -9.56
C PRO A 186 -10.39 21.41 -10.75
N PRO A 187 -9.44 22.34 -10.99
CA PRO A 187 -8.52 22.18 -12.10
C PRO A 187 -7.52 21.04 -11.81
N VAL A 188 -7.07 20.97 -10.54
CA VAL A 188 -6.23 19.86 -10.03
C VAL A 188 -6.93 19.18 -8.83
N SER A 189 -7.00 17.85 -8.87
CA SER A 189 -7.59 17.08 -7.78
C SER A 189 -7.12 17.49 -6.41
N ARG A 190 -8.04 17.45 -5.48
CA ARG A 190 -7.75 17.76 -4.10
C ARG A 190 -8.07 16.59 -3.18
N ARG A 191 -8.57 15.49 -3.72
CA ARG A 191 -9.03 14.35 -2.88
C ARG A 191 -7.87 13.71 -2.11
N LEU A 192 -8.13 13.14 -0.92
CA LEU A 192 -7.00 12.73 -0.04
C LEU A 192 -6.20 11.53 -0.55
N PHE A 193 -6.91 10.54 -1.07
CA PHE A 193 -6.38 9.19 -1.34
C PHE A 193 -6.69 8.81 -2.78
N LEU A 194 -6.51 7.54 -3.16
CA LEU A 194 -6.63 7.11 -4.57
C LEU A 194 -7.98 7.36 -5.21
N ASP A 195 -9.05 7.09 -4.45
CA ASP A 195 -10.41 7.00 -4.99
C ASP A 195 -11.36 8.11 -4.52
N GLY A 196 -10.86 9.02 -3.70
CA GLY A 196 -11.72 9.85 -2.86
C GLY A 196 -11.09 10.20 -1.52
N ASP A 197 -11.91 10.61 -0.56
CA ASP A 197 -11.37 11.12 0.72
C ASP A 197 -11.36 10.10 1.84
N GLN A 198 -11.74 8.89 1.52
CA GLN A 198 -11.60 7.75 2.44
C GLN A 198 -10.61 6.70 1.93
N LEU A 199 -9.95 6.00 2.88
CA LEU A 199 -9.11 4.87 2.47
C LEU A 199 -9.98 3.73 1.94
N THR A 200 -9.60 3.17 0.79
CA THR A 200 -10.36 2.11 0.19
C THR A 200 -9.46 0.92 -0.01
N LEU A 201 -10.00 -0.16 -0.54
CA LEU A 201 -9.18 -1.34 -0.89
C LEU A 201 -7.97 -1.02 -1.78
N ALA A 202 -8.10 0.00 -2.63
CA ALA A 202 -7.00 0.44 -3.50
C ALA A 202 -5.83 0.86 -2.69
N ASP A 203 -6.09 1.65 -1.64
CA ASP A 203 -5.01 2.16 -0.82
C ASP A 203 -4.41 1.07 0.03
N CYS A 204 -5.23 0.11 0.46
CA CYS A 204 -4.68 -0.95 1.36
C CYS A 204 -3.70 -1.79 0.54
N SER A 205 -3.95 -1.87 -0.77
CA SER A 205 -3.02 -2.62 -1.65
C SER A 205 -1.78 -1.79 -1.96
N LEU A 206 -2.00 -0.56 -2.39
CA LEU A 206 -0.87 0.28 -2.89
C LEU A 206 0.04 0.81 -1.80
N LEU A 207 -0.53 1.25 -0.69
CA LEU A 207 0.31 1.94 0.34
C LEU A 207 1.47 1.11 0.92
N PRO A 208 1.21 -0.15 1.27
CA PRO A 208 2.32 -0.95 1.73
C PRO A 208 3.46 -1.09 0.71
N LYS A 209 3.12 -1.26 -0.55
CA LYS A 209 4.14 -1.31 -1.62
C LYS A 209 4.88 0.01 -1.85
N LEU A 210 4.18 1.13 -1.83
CA LEU A 210 4.85 2.42 -1.92
C LEU A 210 5.79 2.63 -0.75
N ASN A 211 5.38 2.19 0.47
CA ASN A 211 6.30 2.30 1.63
C ASN A 211 7.59 1.49 1.42
N ILE A 212 7.45 0.24 0.94
CA ILE A 212 8.62 -0.58 0.61
C ILE A 212 9.52 0.11 -0.43
N ILE A 213 8.92 0.58 -1.52
CA ILE A 213 9.68 1.31 -2.55
C ILE A 213 10.45 2.51 -1.99
N LYS A 214 9.72 3.36 -1.25
CA LYS A 214 10.30 4.53 -0.63
C LYS A 214 11.53 4.14 0.29
N VAL A 215 11.35 3.14 1.15
CA VAL A 215 12.38 2.77 2.15
C VAL A 215 13.58 2.09 1.46
N ALA A 216 13.30 1.05 0.70
CA ALA A 216 14.35 0.24 0.06
C ALA A 216 15.11 1.04 -0.99
N ALA A 217 14.42 1.80 -1.84
CA ALA A 217 15.11 2.54 -2.85
C ALA A 217 15.93 3.70 -2.27
N LYS A 218 15.44 4.33 -1.20
CA LYS A 218 16.25 5.32 -0.56
C LYS A 218 17.54 4.64 0.01
N LYS A 219 17.37 3.59 0.83
CA LYS A 219 18.52 2.89 1.41
C LYS A 219 19.59 2.48 0.39
N TYR A 220 19.17 1.86 -0.73
CA TYR A 220 20.09 1.16 -1.60
C TYR A 220 20.46 1.89 -2.89
N ARG A 221 19.69 2.93 -3.26
CA ARG A 221 19.94 3.66 -4.51
C ARG A 221 19.93 5.15 -4.34
N ASP A 222 19.89 5.59 -3.07
CA ASP A 222 19.74 6.98 -2.70
C ASP A 222 18.55 7.71 -3.42
N PHE A 223 17.53 6.93 -3.72
CA PHE A 223 16.37 7.38 -4.45
C PHE A 223 15.40 8.17 -3.56
N ASP A 224 15.00 9.36 -4.05
CA ASP A 224 13.87 10.06 -3.52
C ASP A 224 12.83 10.23 -4.58
N ILE A 225 11.56 10.03 -4.17
CA ILE A 225 10.44 10.29 -5.05
C ILE A 225 10.49 11.82 -5.32
N PRO A 226 10.66 12.26 -6.60
CA PRO A 226 10.72 13.71 -6.87
C PRO A 226 9.66 14.55 -6.16
N ALA A 227 10.09 15.69 -5.63
CA ALA A 227 9.18 16.71 -5.13
C ALA A 227 8.19 17.18 -6.21
N GLU A 228 8.61 17.13 -7.48
CA GLU A 228 7.75 17.52 -8.60
C GLU A 228 6.55 16.61 -8.84
N PHE A 229 6.55 15.43 -8.19
CA PHE A 229 5.36 14.61 -8.21
C PHE A 229 4.51 15.01 -7.04
N SER A 230 3.90 16.19 -7.17
CA SER A 230 3.14 16.82 -6.10
C SER A 230 1.89 16.02 -5.76
N GLY A 231 1.34 15.28 -6.72
CA GLY A 231 0.17 14.41 -6.46
C GLY A 231 0.54 13.23 -5.56
N VAL A 232 1.66 12.59 -5.91
CA VAL A 232 2.19 11.49 -5.14
C VAL A 232 2.48 11.96 -3.72
N TRP A 233 3.13 13.12 -3.57
CA TRP A 233 3.49 13.59 -2.24
C TRP A 233 2.25 14.00 -1.37
N ARG A 234 1.23 14.55 -1.99
CA ARG A 234 -0.02 14.93 -1.26
C ARG A 234 -0.64 13.68 -0.68
N TYR A 235 -0.81 12.66 -1.52
CA TYR A 235 -1.25 11.34 -1.11
C TYR A 235 -0.40 10.74 0.03
N LEU A 236 0.94 10.76 -0.11
CA LEU A 236 1.80 10.18 0.93
C LEU A 236 1.66 10.94 2.25
N HIS A 237 1.62 12.26 2.18
CA HIS A 237 1.40 13.08 3.40
C HIS A 237 0.07 12.75 4.05
N ASN A 238 -1.00 12.64 3.26
CA ASN A 238 -2.31 12.21 3.80
C ASN A 238 -2.30 10.82 4.43
N ALA A 239 -1.69 9.85 3.73
CA ALA A 239 -1.59 8.47 4.20
C ALA A 239 -0.76 8.31 5.49
N TYR A 240 0.40 8.96 5.52
CA TYR A 240 1.26 8.90 6.68
C TYR A 240 0.66 9.62 7.91
N ALA A 241 -0.42 10.35 7.70
CA ALA A 241 -1.15 10.96 8.78
C ALA A 241 -2.23 10.05 9.33
N ARG A 242 -2.42 8.87 8.72
CA ARG A 242 -3.45 7.94 9.17
C ARG A 242 -2.79 6.75 9.89
N GLU A 243 -3.31 6.42 11.07
CA GLU A 243 -2.66 5.39 11.86
C GLU A 243 -2.93 4.01 11.33
N GLU A 244 -4.01 3.82 10.58
CA GLU A 244 -4.26 2.51 9.96
C GLU A 244 -3.09 2.15 9.01
N PHE A 245 -2.43 3.17 8.45
CA PHE A 245 -1.29 2.95 7.56
C PHE A 245 0.01 2.96 8.36
N THR A 246 0.32 4.04 9.06
CA THR A 246 1.59 4.11 9.74
C THR A 246 1.80 3.04 10.81
N HIS A 247 0.76 2.69 11.54
CA HIS A 247 0.91 1.72 12.64
C HIS A 247 0.80 0.27 12.17
N THR A 248 0.62 0.06 10.87
CA THR A 248 0.70 -1.29 10.32
C THR A 248 2.00 -1.48 9.52
N CYS A 249 2.78 -0.41 9.32
CA CYS A 249 4.09 -0.50 8.67
C CYS A 249 5.12 -1.26 9.55
N PRO A 250 5.95 -2.08 8.93
CA PRO A 250 7.02 -2.68 9.76
C PRO A 250 8.00 -1.52 9.96
N GLU A 251 8.93 -1.67 10.89
CA GLU A 251 10.03 -0.73 10.99
C GLU A 251 10.81 -0.75 9.69
N ASP A 252 11.36 0.41 9.29
CA ASP A 252 12.09 0.51 8.03
C ASP A 252 13.19 -0.56 7.88
N LYS A 253 13.91 -0.83 8.97
CA LYS A 253 14.93 -1.90 9.01
C LYS A 253 14.50 -3.24 8.42
N GLU A 254 13.26 -3.65 8.73
CA GLU A 254 12.73 -4.92 8.21
C GLU A 254 12.74 -4.95 6.70
N ILE A 255 12.34 -3.83 6.10
CA ILE A 255 12.35 -3.71 4.65
C ILE A 255 13.78 -3.64 4.12
N GLU A 256 14.62 -2.85 4.79
CA GLU A 256 16.03 -2.81 4.42
C GLU A 256 16.68 -4.20 4.41
N ASN A 257 16.37 -5.01 5.44
CA ASN A 257 16.82 -6.41 5.52
C ASN A 257 16.38 -7.31 4.39
N THR A 258 15.14 -7.17 3.96
CA THR A 258 14.68 -7.90 2.79
C THR A 258 15.65 -7.75 1.61
N TYR A 259 16.13 -6.54 1.36
CA TYR A 259 16.93 -6.22 0.16
C TYR A 259 18.47 -6.18 0.35
N ALA A 260 18.94 -6.51 1.56
CA ALA A 260 20.36 -6.33 1.90
C ALA A 260 21.32 -7.16 1.00
N ASN A 261 20.89 -8.33 0.59
CA ASN A 261 21.66 -9.22 -0.31
C ASN A 261 21.22 -9.21 -1.79
N VAL A 262 20.35 -8.29 -2.17
CA VAL A 262 19.98 -8.12 -3.58
C VAL A 262 20.38 -6.75 -4.14
N ALA A 263 20.37 -5.73 -3.28
CA ALA A 263 20.53 -4.35 -3.70
C ALA A 263 21.97 -3.86 -3.77
N LYS A 264 22.92 -4.68 -3.28
CA LYS A 264 24.35 -4.26 -3.29
C LYS A 264 24.93 -4.52 -4.65
N GLN A 265 25.49 -3.47 -5.24
CA GLN A 265 25.92 -3.52 -6.66
C GLN A 265 27.34 -4.02 -6.89
N LYS A 266 27.47 -4.76 -7.99
CA LYS A 266 28.64 -5.59 -8.27
C LYS A 266 29.01 -5.42 -9.74
#